data_3C9R
#
_entry.id   3C9R
#
_cell.length_a   61.290
_cell.length_b   67.140
_cell.length_c   200.700
_cell.angle_alpha   90.000
_cell.angle_beta   90.000
_cell.angle_gamma   90.000
#
_symmetry.space_group_name_H-M   'P 21 21 21'
#
loop_
_entity.id
_entity.type
_entity.pdbx_description
1 polymer 'Thiamine monophosphate kinase'
2 non-polymer 'MAGNESIUM ION'
3 non-polymer "ADENOSINE-5'-TRIPHOSPHATE"
4 water water
#
_entity_poly.entity_id   1
_entity_poly.type   'polypeptide(L)'
_entity_poly.pdbx_seq_one_letter_code
;MGSHHHHHHDITSLYKKAGSAAAVLEENLYFQGSFTMRLKELGEFGLIDLIKKTLESKVIGDDTAPVEYCSKKLLLTTDV
LNEGVHFLRSYIPEAVGWKAISVNVSDVIANGGLPKWALISLNLPEDLEVSYVERFYIGVKRACEFYKCEVVGGNISKSE
KIGISVFLVGETERFVGRDGARLGDSVFVSGTLGDSRAGLELLLMEKEEYEPFELALIQRHLRPTARIDYVKHIQKYANA
SMDISDGLVADANHLAQRSGVKIEILSEKLPLSNELKMYCEKYGKNPIEYALFGGEDYQLLFTHPKERWNPFLDMTEIGR
VEEGEGVFVDGKKVEPKGWKHF
;
_entity_poly.pdbx_strand_id   A,B
#
# COMPACT_ATOMS: atom_id res chain seq x y z
N GLY A 33 5.15 5.10 35.68
CA GLY A 33 4.91 4.26 34.48
C GLY A 33 4.20 2.96 34.82
N SER A 34 4.57 1.88 34.12
CA SER A 34 3.96 0.58 34.36
C SER A 34 4.81 -0.58 33.82
N PHE A 35 5.52 -0.33 32.72
CA PHE A 35 6.41 -1.34 32.11
C PHE A 35 5.74 -2.43 31.27
N THR A 36 5.96 -2.37 29.97
CA THR A 36 5.46 -3.35 29.00
C THR A 36 6.36 -3.21 27.77
N MET A 37 6.82 -4.33 27.24
CA MET A 37 7.68 -4.32 26.07
C MET A 37 7.18 -3.44 24.92
N ARG A 38 8.02 -2.48 24.50
CA ARG A 38 7.66 -1.55 23.42
C ARG A 38 8.45 -1.84 22.15
N LEU A 39 7.90 -1.41 21.01
CA LEU A 39 8.51 -1.62 19.71
C LEU A 39 9.98 -1.22 19.65
N LYS A 40 10.30 -0.07 20.24
CA LYS A 40 11.68 0.41 20.26
C LYS A 40 12.64 -0.62 20.87
N GLU A 41 12.12 -1.51 21.71
CA GLU A 41 12.94 -2.51 22.36
C GLU A 41 13.10 -3.77 21.50
N LEU A 42 12.15 -4.01 20.61
CA LEU A 42 12.20 -5.20 19.77
C LEU A 42 13.04 -5.00 18.50
N GLY A 43 13.04 -3.78 17.96
CA GLY A 43 13.81 -3.51 16.75
C GLY A 43 12.97 -3.81 15.51
N GLU A 44 13.12 -2.99 14.47
CA GLU A 44 12.34 -3.19 13.25
C GLU A 44 12.34 -4.64 12.75
N PHE A 45 13.51 -5.27 12.75
CA PHE A 45 13.60 -6.62 12.25
C PHE A 45 13.14 -7.72 13.19
N GLY A 46 13.11 -7.41 14.48
CA GLY A 46 12.63 -8.38 15.44
C GLY A 46 11.11 -8.34 15.34
N LEU A 47 10.59 -7.17 15.01
CA LEU A 47 9.15 -7.00 14.88
C LEU A 47 8.68 -7.74 13.64
N ILE A 48 9.45 -7.63 12.56
CA ILE A 48 9.11 -8.31 11.32
C ILE A 48 9.14 -9.81 11.57
N ASP A 49 10.18 -10.26 12.28
CA ASP A 49 10.31 -11.67 12.59
C ASP A 49 9.05 -12.19 13.29
N LEU A 50 8.56 -11.39 14.26
CA LEU A 50 7.36 -11.72 15.02
C LEU A 50 6.11 -11.74 14.15
N ILE A 51 6.03 -10.78 13.21
CA ILE A 51 4.90 -10.71 12.30
C ILE A 51 4.90 -11.96 11.44
N LYS A 52 6.09 -12.35 10.99
CA LYS A 52 6.24 -13.54 10.17
C LYS A 52 5.78 -14.79 10.91
N LYS A 53 6.19 -14.96 12.17
CA LYS A 53 5.80 -16.12 12.97
C LYS A 53 4.30 -16.18 13.25
N THR A 54 3.74 -15.02 13.59
CA THR A 54 2.31 -14.92 13.87
C THR A 54 1.50 -15.26 12.63
N LEU A 55 1.95 -14.76 11.49
CA LEU A 55 1.29 -14.98 10.23
C LEU A 55 1.58 -16.39 9.70
N GLU A 56 2.63 -17.01 10.23
CA GLU A 56 3.05 -18.34 9.80
C GLU A 56 3.37 -18.25 8.31
N SER A 57 4.04 -17.17 7.92
CA SER A 57 4.39 -16.92 6.53
C SER A 57 5.69 -17.56 6.07
N LYS A 58 5.77 -17.84 4.77
CA LYS A 58 6.97 -18.43 4.20
C LYS A 58 7.60 -17.49 3.18
N VAL A 59 6.77 -16.70 2.49
CA VAL A 59 7.27 -15.77 1.48
C VAL A 59 7.98 -14.54 2.05
N ILE A 60 7.52 -14.06 3.20
CA ILE A 60 8.10 -12.88 3.84
C ILE A 60 9.60 -13.06 4.05
N GLY A 61 10.39 -12.05 3.69
CA GLY A 61 11.83 -12.13 3.86
C GLY A 61 12.68 -11.38 2.85
N ASP A 62 12.17 -11.23 1.63
CA ASP A 62 12.93 -10.54 0.58
C ASP A 62 12.35 -9.15 0.26
N ASP A 63 12.96 -8.50 -0.73
CA ASP A 63 12.56 -7.16 -1.17
C ASP A 63 11.16 -7.15 -1.75
N THR A 64 10.77 -8.31 -2.28
CA THR A 64 9.46 -8.47 -2.90
C THR A 64 8.91 -9.82 -2.44
N ALA A 65 7.61 -10.03 -2.67
CA ALA A 65 6.96 -11.28 -2.31
C ALA A 65 6.52 -11.93 -3.61
N PRO A 66 7.15 -13.05 -4.00
CA PRO A 66 6.81 -13.75 -5.24
C PRO A 66 5.63 -14.68 -5.03
N VAL A 67 4.64 -14.58 -5.92
CA VAL A 67 3.47 -15.44 -5.84
C VAL A 67 3.37 -16.17 -7.15
N GLU A 68 2.82 -17.38 -7.09
CA GLU A 68 2.65 -18.21 -8.27
C GLU A 68 1.42 -17.80 -9.06
N TYR A 69 1.60 -17.49 -10.34
CA TYR A 69 0.47 -17.13 -11.16
C TYR A 69 0.76 -17.31 -12.64
N CYS A 70 -0.06 -18.13 -13.29
CA CYS A 70 0.08 -18.39 -14.72
C CYS A 70 1.50 -18.70 -15.16
N SER A 71 2.07 -19.77 -14.61
CA SER A 71 3.41 -20.22 -14.96
C SER A 71 4.49 -19.21 -14.63
N LYS A 72 4.08 -17.98 -14.29
CA LYS A 72 5.01 -16.92 -13.94
C LYS A 72 4.90 -16.60 -12.45
N LYS A 73 5.77 -15.72 -11.99
CA LYS A 73 5.76 -15.30 -10.61
C LYS A 73 5.53 -13.80 -10.52
N LEU A 74 4.39 -13.40 -9.96
CA LEU A 74 4.11 -11.99 -9.79
C LEU A 74 4.91 -11.53 -8.57
N LEU A 75 5.32 -10.26 -8.57
CA LEU A 75 6.09 -9.72 -7.47
C LEU A 75 5.35 -8.56 -6.82
N LEU A 76 5.07 -8.69 -5.52
CA LEU A 76 4.35 -7.66 -4.78
C LEU A 76 5.26 -7.06 -3.71
N THR A 77 5.29 -5.73 -3.63
CA THR A 77 6.11 -5.04 -2.65
C THR A 77 5.57 -3.65 -2.34
N THR A 78 6.04 -3.06 -1.25
CA THR A 78 5.60 -1.74 -0.83
C THR A 78 6.70 -1.01 -0.05
N ASP A 79 6.72 0.30 -0.23
CA ASP A 79 7.68 1.19 0.43
C ASP A 79 6.95 2.48 0.75
N VAL A 80 7.50 3.23 1.69
CA VAL A 80 6.88 4.47 2.14
C VAL A 80 7.82 5.68 2.21
N LEU A 81 7.25 6.86 1.95
CA LEU A 81 7.97 8.12 2.04
C LEU A 81 7.12 9.01 2.96
N ASN A 82 7.67 9.37 4.11
CA ASN A 82 6.94 10.20 5.07
C ASN A 82 7.58 11.57 5.29
N GLU A 83 6.76 12.61 5.34
CA GLU A 83 7.27 13.96 5.58
C GLU A 83 7.98 14.01 6.92
N GLY A 84 9.16 14.66 6.93
CA GLY A 84 9.93 14.76 8.15
C GLY A 84 10.88 13.61 8.33
N VAL A 85 10.74 12.57 7.51
CA VAL A 85 11.62 11.42 7.61
C VAL A 85 12.35 11.12 6.31
N HIS A 86 11.64 11.17 5.18
CA HIS A 86 12.25 10.88 3.90
C HIS A 86 12.31 12.09 2.97
N PHE A 87 11.65 13.18 3.38
CA PHE A 87 11.66 14.38 2.57
C PHE A 87 10.97 15.49 3.35
N LEU A 88 11.04 16.70 2.80
CA LEU A 88 10.42 17.85 3.42
C LEU A 88 9.47 18.45 2.41
N ARG A 89 8.44 19.12 2.88
CA ARG A 89 7.47 19.73 1.98
C ARG A 89 8.14 20.73 1.04
N SER A 90 9.32 21.20 1.42
CA SER A 90 10.05 22.16 0.61
C SER A 90 10.77 21.54 -0.59
N TYR A 91 10.88 20.22 -0.60
CA TYR A 91 11.52 19.51 -1.72
C TYR A 91 10.62 19.63 -2.97
N ILE A 92 11.25 19.72 -4.13
CA ILE A 92 10.52 19.81 -5.39
C ILE A 92 9.61 18.59 -5.50
N PRO A 93 8.29 18.81 -5.60
CA PRO A 93 7.32 17.70 -5.71
C PRO A 93 7.53 16.65 -6.81
N GLU A 94 7.77 17.07 -8.05
CA GLU A 94 7.98 16.11 -9.13
C GLU A 94 9.13 15.14 -8.79
N ALA A 95 10.15 15.62 -8.10
CA ALA A 95 11.26 14.75 -7.74
C ALA A 95 10.82 13.73 -6.70
N VAL A 96 9.91 14.12 -5.82
CA VAL A 96 9.41 13.21 -4.79
C VAL A 96 8.53 12.14 -5.45
N GLY A 97 7.80 12.51 -6.51
CA GLY A 97 6.96 11.55 -7.20
C GLY A 97 7.84 10.52 -7.88
N TRP A 98 8.88 11.02 -8.56
CA TRP A 98 9.83 10.17 -9.25
C TRP A 98 10.45 9.18 -8.28
N LYS A 99 10.90 9.69 -7.15
CA LYS A 99 11.53 8.87 -6.13
C LYS A 99 10.56 7.82 -5.57
N ALA A 100 9.32 8.22 -5.33
CA ALA A 100 8.32 7.31 -4.80
C ALA A 100 8.27 6.05 -5.67
N ILE A 101 8.04 6.24 -6.97
CA ILE A 101 7.98 5.13 -7.91
C ILE A 101 9.32 4.39 -8.01
N SER A 102 10.41 5.15 -8.18
CA SER A 102 11.73 4.55 -8.31
C SER A 102 12.11 3.57 -7.19
N VAL A 103 11.89 3.97 -5.94
CA VAL A 103 12.23 3.14 -4.80
C VAL A 103 11.56 1.77 -4.80
N ASN A 104 10.31 1.71 -5.25
CA ASN A 104 9.60 0.44 -5.33
C ASN A 104 10.11 -0.41 -6.49
N VAL A 105 10.28 0.21 -7.65
CA VAL A 105 10.77 -0.50 -8.82
C VAL A 105 12.12 -1.10 -8.46
N SER A 106 12.91 -0.37 -7.67
CA SER A 106 14.21 -0.85 -7.26
C SER A 106 14.11 -2.24 -6.62
N ASP A 107 13.15 -2.42 -5.71
CA ASP A 107 12.94 -3.71 -5.04
C ASP A 107 12.56 -4.79 -6.06
N VAL A 108 11.68 -4.44 -6.99
CA VAL A 108 11.24 -5.39 -8.01
C VAL A 108 12.39 -5.83 -8.93
N ILE A 109 13.17 -4.85 -9.39
CA ILE A 109 14.31 -5.09 -10.25
C ILE A 109 15.31 -6.00 -9.56
N ALA A 110 15.56 -5.71 -8.28
CA ALA A 110 16.51 -6.46 -7.49
C ALA A 110 16.16 -7.95 -7.44
N ASN A 111 14.87 -8.29 -7.47
CA ASN A 111 14.46 -9.68 -7.43
C ASN A 111 14.29 -10.28 -8.82
N GLY A 112 14.84 -9.60 -9.83
CA GLY A 112 14.76 -10.08 -11.21
C GLY A 112 13.43 -9.87 -11.92
N GLY A 113 12.68 -8.86 -11.53
CA GLY A 113 11.38 -8.63 -12.16
C GLY A 113 11.19 -7.26 -12.78
N LEU A 114 10.16 -7.14 -13.61
CA LEU A 114 9.83 -5.87 -14.26
C LEU A 114 8.52 -5.33 -13.68
N PRO A 115 8.47 -4.02 -13.39
CA PRO A 115 7.29 -3.37 -12.83
C PRO A 115 6.13 -3.31 -13.81
N LYS A 116 4.92 -3.58 -13.31
CA LYS A 116 3.72 -3.58 -14.12
C LYS A 116 2.69 -2.55 -13.67
N TRP A 117 2.12 -2.76 -12.50
CA TRP A 117 1.10 -1.84 -11.98
C TRP A 117 1.39 -1.34 -10.57
N ALA A 118 0.89 -0.15 -10.26
CA ALA A 118 1.10 0.43 -8.94
C ALA A 118 -0.10 1.22 -8.43
N LEU A 119 -0.21 1.26 -7.11
CA LEU A 119 -1.27 2.01 -6.43
C LEU A 119 -0.55 2.96 -5.49
N ILE A 120 -1.12 4.14 -5.29
CA ILE A 120 -0.49 5.10 -4.40
C ILE A 120 -1.46 5.55 -3.33
N SER A 121 -1.11 5.26 -2.07
CA SER A 121 -1.93 5.66 -0.93
C SER A 121 -1.34 6.95 -0.36
N LEU A 122 -2.15 8.01 -0.33
CA LEU A 122 -1.68 9.31 0.18
C LEU A 122 -2.41 9.82 1.42
N ASN A 123 -1.62 10.22 2.42
CA ASN A 123 -2.15 10.85 3.64
C ASN A 123 -1.81 12.32 3.39
N LEU A 124 -2.82 13.18 3.35
CA LEU A 124 -2.58 14.59 3.08
C LEU A 124 -3.29 15.60 3.99
N PRO A 125 -2.62 16.72 4.29
CA PRO A 125 -3.25 17.74 5.13
C PRO A 125 -4.13 18.60 4.23
N GLU A 126 -5.27 19.07 4.75
CA GLU A 126 -6.18 19.89 3.95
C GLU A 126 -5.56 21.22 3.53
N ASP A 127 -4.51 21.65 4.22
CA ASP A 127 -3.87 22.91 3.89
C ASP A 127 -2.86 22.84 2.74
N LEU A 128 -2.48 21.63 2.31
CA LEU A 128 -1.51 21.51 1.23
C LEU A 128 -2.04 22.08 -0.10
N GLU A 129 -1.14 22.65 -0.91
CA GLU A 129 -1.54 23.23 -2.19
C GLU A 129 -1.90 22.15 -3.20
N VAL A 130 -2.96 22.39 -3.95
CA VAL A 130 -3.38 21.43 -4.95
C VAL A 130 -2.26 21.19 -5.95
N SER A 131 -1.54 22.24 -6.31
CA SER A 131 -0.46 22.12 -7.28
C SER A 131 0.67 21.20 -6.81
N TYR A 132 0.80 21.04 -5.50
CA TYR A 132 1.82 20.17 -4.96
C TYR A 132 1.48 18.74 -5.36
N VAL A 133 0.24 18.33 -5.10
CA VAL A 133 -0.22 17.00 -5.43
C VAL A 133 -0.18 16.76 -6.94
N GLU A 134 -0.47 17.80 -7.72
CA GLU A 134 -0.45 17.67 -9.17
C GLU A 134 0.96 17.48 -9.70
N ARG A 135 1.90 18.24 -9.17
CA ARG A 135 3.28 18.16 -9.61
C ARG A 135 3.88 16.81 -9.22
N PHE A 136 3.50 16.32 -8.04
CA PHE A 136 3.95 15.04 -7.54
C PHE A 136 3.54 13.97 -8.56
N TYR A 137 2.27 13.98 -8.95
CA TYR A 137 1.80 13.01 -9.92
C TYR A 137 2.39 13.15 -11.32
N ILE A 138 2.93 14.33 -11.62
CA ILE A 138 3.57 14.54 -12.92
C ILE A 138 4.89 13.76 -12.87
N GLY A 139 5.56 13.82 -11.72
CA GLY A 139 6.81 13.10 -11.54
C GLY A 139 6.54 11.59 -11.58
N VAL A 140 5.44 11.18 -10.95
CA VAL A 140 5.02 9.78 -10.92
C VAL A 140 4.80 9.33 -12.37
N LYS A 141 4.05 10.13 -13.12
CA LYS A 141 3.76 9.84 -14.52
C LYS A 141 5.06 9.70 -15.32
N ARG A 142 6.00 10.59 -15.04
CA ARG A 142 7.29 10.58 -15.71
C ARG A 142 8.05 9.26 -15.45
N ALA A 143 8.14 8.87 -14.18
CA ALA A 143 8.84 7.67 -13.79
C ALA A 143 8.14 6.43 -14.34
N CYS A 144 6.82 6.42 -14.28
CA CYS A 144 6.09 5.27 -14.79
C CYS A 144 6.41 5.11 -16.27
N GLU A 145 6.44 6.23 -16.99
CA GLU A 145 6.73 6.21 -18.42
C GLU A 145 8.13 5.66 -18.67
N PHE A 146 9.06 6.01 -17.79
CA PHE A 146 10.43 5.56 -17.90
C PHE A 146 10.63 4.08 -17.59
N TYR A 147 10.02 3.59 -16.51
CA TYR A 147 10.16 2.19 -16.12
C TYR A 147 9.13 1.30 -16.81
N LYS A 148 8.29 1.93 -17.63
CA LYS A 148 7.24 1.22 -18.37
C LYS A 148 6.25 0.46 -17.47
N CYS A 149 5.66 1.18 -16.51
CA CYS A 149 4.65 0.60 -15.62
C CYS A 149 3.55 1.66 -15.52
N GLU A 150 2.51 1.41 -14.74
CA GLU A 150 1.43 2.37 -14.64
C GLU A 150 0.68 2.40 -13.31
N VAL A 151 0.40 3.61 -12.83
CA VAL A 151 -0.36 3.78 -11.59
C VAL A 151 -1.83 3.62 -11.98
N VAL A 152 -2.47 2.57 -11.48
CA VAL A 152 -3.88 2.28 -11.80
C VAL A 152 -4.90 2.66 -10.73
N GLY A 153 -4.44 3.15 -9.58
CA GLY A 153 -5.36 3.53 -8.52
C GLY A 153 -4.66 4.00 -7.26
N GLY A 154 -5.42 4.12 -6.17
CA GLY A 154 -4.83 4.56 -4.91
C GLY A 154 -5.85 4.98 -3.87
N ASN A 155 -5.40 5.78 -2.90
CA ASN A 155 -6.29 6.26 -1.85
C ASN A 155 -5.94 7.64 -1.32
N ILE A 156 -6.91 8.27 -0.67
CA ILE A 156 -6.71 9.58 -0.06
C ILE A 156 -7.29 9.64 1.35
N SER A 157 -6.48 10.10 2.29
CA SER A 157 -6.87 10.24 3.71
C SER A 157 -6.31 11.54 4.29
N LYS A 158 -7.10 12.23 5.09
CA LYS A 158 -6.63 13.48 5.67
C LYS A 158 -5.73 13.20 6.88
N SER A 159 -4.63 13.94 6.97
CA SER A 159 -3.69 13.79 8.09
C SER A 159 -2.95 15.09 8.35
N GLU A 160 -2.07 15.07 9.35
CA GLU A 160 -1.27 16.23 9.74
C GLU A 160 -0.18 16.49 8.72
N LYS A 161 0.71 15.50 8.59
CA LYS A 161 1.84 15.57 7.66
C LYS A 161 1.58 14.71 6.43
N ILE A 162 2.46 14.80 5.44
CA ILE A 162 2.29 14.03 4.21
C ILE A 162 2.85 12.61 4.34
N GLY A 163 2.06 11.63 3.94
CA GLY A 163 2.48 10.25 3.99
C GLY A 163 2.26 9.65 2.60
N ILE A 164 3.28 8.99 2.06
CA ILE A 164 3.17 8.39 0.73
C ILE A 164 3.47 6.90 0.79
N SER A 165 2.47 6.09 0.49
CA SER A 165 2.60 4.63 0.49
C SER A 165 2.40 4.10 -0.93
N VAL A 166 3.43 3.46 -1.46
CA VAL A 166 3.35 2.92 -2.80
C VAL A 166 3.35 1.40 -2.80
N PHE A 167 2.41 0.83 -3.56
CA PHE A 167 2.27 -0.61 -3.72
C PHE A 167 2.54 -0.89 -5.19
N LEU A 168 3.46 -1.81 -5.45
CA LEU A 168 3.83 -2.13 -6.81
C LEU A 168 3.73 -3.61 -7.13
N VAL A 169 3.23 -3.90 -8.33
CA VAL A 169 3.14 -5.28 -8.77
C VAL A 169 4.01 -5.47 -9.99
N GLY A 170 4.94 -6.40 -9.90
CA GLY A 170 5.83 -6.71 -11.01
C GLY A 170 5.68 -8.16 -11.39
N GLU A 171 6.48 -8.61 -12.37
CA GLU A 171 6.44 -9.99 -12.80
C GLU A 171 7.81 -10.44 -13.31
N THR A 172 8.09 -11.73 -13.12
CA THR A 172 9.35 -12.28 -13.55
C THR A 172 9.15 -13.73 -14.01
N GLU A 173 10.11 -14.26 -14.75
CA GLU A 173 10.04 -15.65 -15.19
C GLU A 173 10.82 -16.43 -14.15
N ARG A 174 11.72 -15.73 -13.47
CA ARG A 174 12.55 -16.34 -12.45
C ARG A 174 12.85 -15.40 -11.28
N PHE A 175 12.26 -15.70 -10.14
CA PHE A 175 12.42 -14.91 -8.93
C PHE A 175 13.79 -15.15 -8.33
N VAL A 176 14.52 -14.07 -8.03
CA VAL A 176 15.84 -14.18 -7.42
C VAL A 176 15.85 -13.47 -6.06
N GLY A 177 15.79 -14.23 -4.98
CA GLY A 177 15.76 -13.65 -3.64
C GLY A 177 17.11 -13.50 -2.96
N ARG A 178 17.11 -13.55 -1.63
CA ARG A 178 18.34 -13.39 -0.86
C ARG A 178 18.98 -14.67 -0.28
N ASP A 179 18.31 -15.82 -0.39
CA ASP A 179 18.89 -17.04 0.18
C ASP A 179 19.53 -18.04 -0.77
N GLY A 180 19.73 -17.64 -2.03
CA GLY A 180 20.32 -18.55 -3.00
C GLY A 180 21.82 -18.45 -3.26
N ALA A 181 22.52 -17.58 -2.55
CA ALA A 181 23.96 -17.44 -2.77
C ALA A 181 24.68 -18.79 -2.60
N ARG A 182 25.60 -19.07 -3.53
CA ARG A 182 26.38 -20.30 -3.53
C ARG A 182 27.81 -20.05 -3.06
N LEU A 183 28.41 -21.05 -2.43
CA LEU A 183 29.79 -20.91 -1.96
C LEU A 183 30.67 -20.70 -3.20
N GLY A 184 31.58 -19.74 -3.11
CA GLY A 184 32.46 -19.46 -4.23
C GLY A 184 32.00 -18.31 -5.11
N ASP A 185 30.71 -17.97 -5.06
CA ASP A 185 30.19 -16.87 -5.87
C ASP A 185 30.96 -15.58 -5.58
N SER A 186 30.96 -14.68 -6.56
CA SER A 186 31.60 -13.39 -6.39
C SER A 186 30.50 -12.40 -5.99
N VAL A 187 30.88 -11.34 -5.29
CA VAL A 187 29.92 -10.33 -4.88
C VAL A 187 30.06 -9.08 -5.73
N PHE A 188 28.95 -8.65 -6.33
CA PHE A 188 28.92 -7.47 -7.19
C PHE A 188 27.95 -6.39 -6.71
N VAL A 189 28.20 -5.16 -7.15
CA VAL A 189 27.33 -4.03 -6.87
C VAL A 189 27.31 -3.22 -8.16
N SER A 190 26.25 -2.45 -8.36
CA SER A 190 26.16 -1.63 -9.55
C SER A 190 26.55 -0.19 -9.22
N GLY A 191 26.91 0.57 -10.25
CA GLY A 191 27.28 1.96 -10.06
C GLY A 191 28.23 2.23 -8.91
N THR A 192 28.06 3.39 -8.28
CA THR A 192 28.90 3.80 -7.16
C THR A 192 28.09 3.83 -5.87
N LEU A 193 28.78 3.74 -4.73
CA LEU A 193 28.12 3.76 -3.43
C LEU A 193 28.55 4.95 -2.58
N GLY A 194 27.66 5.42 -1.71
CA GLY A 194 27.96 6.54 -0.84
C GLY A 194 27.43 7.91 -1.25
N ASP A 195 27.06 8.05 -2.52
CA ASP A 195 26.55 9.29 -3.09
C ASP A 195 25.31 9.88 -2.41
N SER A 196 24.30 9.05 -2.18
CA SER A 196 23.07 9.50 -1.57
C SER A 196 23.30 10.13 -0.19
N ARG A 197 24.07 9.46 0.66
CA ARG A 197 24.36 9.99 2.00
C ARG A 197 25.03 11.36 1.96
N ALA A 198 26.03 11.51 1.11
CA ALA A 198 26.72 12.78 0.99
C ALA A 198 25.73 13.87 0.53
N GLY A 199 24.89 13.51 -0.43
CA GLY A 199 23.90 14.44 -0.94
C GLY A 199 22.94 14.90 0.13
N LEU A 200 22.53 13.96 0.99
CA LEU A 200 21.62 14.25 2.08
C LEU A 200 22.30 15.23 3.03
N GLU A 201 23.51 14.89 3.44
CA GLU A 201 24.28 15.75 4.33
C GLU A 201 24.45 17.15 3.76
N LEU A 202 24.64 17.24 2.45
CA LEU A 202 24.80 18.53 1.79
C LEU A 202 23.48 19.31 1.87
N LEU A 203 22.37 18.60 1.70
CA LEU A 203 21.06 19.24 1.79
C LEU A 203 20.88 19.83 3.19
N LEU A 204 21.33 19.08 4.19
CA LEU A 204 21.21 19.50 5.58
C LEU A 204 22.01 20.77 5.87
N MET A 205 23.09 20.98 5.14
CA MET A 205 23.90 22.19 5.36
C MET A 205 23.13 23.46 4.99
N GLU A 206 22.01 23.26 4.30
CA GLU A 206 21.15 24.35 3.87
C GLU A 206 21.94 25.52 3.29
N LYS A 207 23.07 25.22 2.68
CA LYS A 207 23.92 26.25 2.06
C LYS A 207 23.14 27.13 1.10
N GLU A 208 23.64 28.34 0.88
CA GLU A 208 22.99 29.29 -0.02
C GLU A 208 23.38 29.03 -1.47
N GLU A 209 24.49 28.31 -1.65
CA GLU A 209 24.97 28.01 -2.99
C GLU A 209 25.86 26.79 -2.97
N TYR A 210 25.55 25.82 -3.83
CA TYR A 210 26.36 24.61 -3.91
C TYR A 210 27.16 24.55 -5.19
N GLU A 211 28.34 23.96 -5.12
CA GLU A 211 29.18 23.81 -6.29
C GLU A 211 28.54 22.70 -7.13
N PRO A 212 28.88 22.62 -8.43
CA PRO A 212 28.33 21.61 -9.34
C PRO A 212 28.34 20.17 -8.83
N PHE A 213 29.48 19.70 -8.33
CA PHE A 213 29.59 18.33 -7.85
C PHE A 213 28.70 18.09 -6.64
N GLU A 214 28.39 19.17 -5.92
CA GLU A 214 27.53 19.08 -4.76
C GLU A 214 26.10 18.92 -5.24
N LEU A 215 25.74 19.64 -6.30
CA LEU A 215 24.41 19.54 -6.87
C LEU A 215 24.19 18.17 -7.46
N ALA A 216 25.28 17.55 -7.96
CA ALA A 216 25.20 16.20 -8.53
C ALA A 216 24.86 15.19 -7.43
N LEU A 217 25.55 15.30 -6.31
CA LEU A 217 25.32 14.43 -5.18
C LEU A 217 23.90 14.63 -4.63
N ILE A 218 23.52 15.90 -4.44
CA ILE A 218 22.20 16.22 -3.92
C ILE A 218 21.16 15.60 -4.83
N GLN A 219 21.38 15.70 -6.14
CA GLN A 219 20.44 15.15 -7.10
C GLN A 219 20.37 13.62 -6.97
N ARG A 220 21.51 12.98 -6.74
CA ARG A 220 21.50 11.53 -6.61
C ARG A 220 20.69 11.11 -5.39
N HIS A 221 20.68 11.94 -4.36
CA HIS A 221 19.90 11.60 -3.18
C HIS A 221 18.40 11.86 -3.35
N LEU A 222 18.08 12.95 -4.02
CA LEU A 222 16.69 13.35 -4.24
C LEU A 222 15.96 12.63 -5.36
N ARG A 223 16.68 12.33 -6.42
CA ARG A 223 16.07 11.67 -7.58
C ARG A 223 16.85 10.44 -8.04
N PRO A 224 16.82 9.36 -7.25
CA PRO A 224 17.53 8.13 -7.62
C PRO A 224 16.84 7.45 -8.80
N THR A 225 17.60 6.64 -9.54
CA THR A 225 17.02 5.91 -10.66
C THR A 225 17.24 4.42 -10.43
N ALA A 226 16.15 3.66 -10.42
CA ALA A 226 16.23 2.22 -10.22
C ALA A 226 17.03 1.61 -11.35
N ARG A 227 17.87 0.65 -11.02
CA ARG A 227 18.70 -0.03 -12.01
C ARG A 227 17.92 -1.03 -12.85
N ILE A 228 16.88 -0.55 -13.51
CA ILE A 228 16.05 -1.41 -14.34
C ILE A 228 16.84 -2.06 -15.49
N ASP A 229 17.99 -1.47 -15.82
CA ASP A 229 18.84 -1.98 -16.89
C ASP A 229 19.59 -3.28 -16.51
N TYR A 230 19.37 -3.76 -15.29
CA TYR A 230 20.00 -4.97 -14.80
C TYR A 230 19.00 -6.13 -14.72
N VAL A 231 17.73 -5.85 -15.00
CA VAL A 231 16.70 -6.88 -14.92
C VAL A 231 17.06 -8.19 -15.62
N LYS A 232 17.32 -8.13 -16.93
CA LYS A 232 17.67 -9.34 -17.65
C LYS A 232 18.88 -10.00 -17.00
N HIS A 233 19.93 -9.24 -16.72
CA HIS A 233 21.11 -9.86 -16.12
C HIS A 233 20.76 -10.59 -14.82
N ILE A 234 20.11 -9.91 -13.90
CA ILE A 234 19.72 -10.48 -12.61
C ILE A 234 18.83 -11.71 -12.76
N GLN A 235 17.78 -11.58 -13.57
CA GLN A 235 16.84 -12.68 -13.80
C GLN A 235 17.48 -13.89 -14.46
N LYS A 236 18.63 -13.69 -15.06
CA LYS A 236 19.30 -14.77 -15.76
C LYS A 236 20.47 -15.45 -15.04
N TYR A 237 21.36 -14.66 -14.46
CA TYR A 237 22.54 -15.26 -13.82
C TYR A 237 22.79 -15.12 -12.33
N ALA A 238 22.02 -14.29 -11.64
CA ALA A 238 22.26 -14.09 -10.21
C ALA A 238 21.71 -15.20 -9.33
N ASN A 239 22.48 -15.61 -8.31
CA ASN A 239 22.02 -16.65 -7.38
C ASN A 239 21.22 -15.97 -6.28
N ALA A 240 21.71 -14.80 -5.87
CA ALA A 240 21.06 -14.00 -4.83
C ALA A 240 21.13 -12.54 -5.24
N SER A 241 20.10 -11.77 -4.92
CA SER A 241 20.06 -10.36 -5.27
C SER A 241 19.12 -9.55 -4.40
N MET A 242 19.45 -8.28 -4.21
CA MET A 242 18.66 -7.35 -3.41
C MET A 242 19.19 -5.94 -3.68
N ASP A 243 18.37 -4.91 -3.45
CA ASP A 243 18.89 -3.57 -3.68
C ASP A 243 19.50 -3.07 -2.36
N ILE A 244 20.34 -2.07 -2.44
CA ILE A 244 20.99 -1.52 -1.26
C ILE A 244 20.22 -0.27 -0.87
N SER A 245 19.37 -0.43 0.13
CA SER A 245 18.53 0.65 0.62
C SER A 245 19.06 1.27 1.91
N ASP A 246 19.57 0.42 2.80
CA ASP A 246 20.09 0.85 4.09
C ASP A 246 21.60 1.07 4.18
N GLY A 247 22.34 0.53 3.21
CA GLY A 247 23.79 0.67 3.22
C GLY A 247 24.39 -0.68 2.91
N LEU A 248 25.54 -0.71 2.24
CA LEU A 248 26.17 -1.98 1.88
C LEU A 248 26.31 -2.95 3.04
N VAL A 249 27.09 -2.58 4.05
CA VAL A 249 27.32 -3.43 5.21
C VAL A 249 26.04 -4.01 5.78
N ALA A 250 25.08 -3.14 6.07
CA ALA A 250 23.80 -3.55 6.62
C ALA A 250 23.00 -4.47 5.73
N ASP A 251 22.95 -4.18 4.44
CA ASP A 251 22.18 -5.02 3.53
C ASP A 251 22.88 -6.35 3.21
N ALA A 252 24.20 -6.37 3.28
CA ALA A 252 24.95 -7.59 3.01
C ALA A 252 24.73 -8.57 4.16
N ASN A 253 24.45 -8.03 5.34
CA ASN A 253 24.20 -8.85 6.52
C ASN A 253 22.90 -9.61 6.31
N HIS A 254 21.92 -8.95 5.70
CA HIS A 254 20.65 -9.58 5.42
C HIS A 254 20.84 -10.68 4.39
N LEU A 255 21.70 -10.43 3.41
CA LEU A 255 21.96 -11.41 2.35
C LEU A 255 22.70 -12.62 2.90
N ALA A 256 23.80 -12.36 3.61
CA ALA A 256 24.63 -13.42 4.19
C ALA A 256 23.79 -14.31 5.10
N GLN A 257 22.82 -13.71 5.78
CA GLN A 257 21.97 -14.44 6.70
C GLN A 257 21.00 -15.39 6.00
N ARG A 258 20.21 -14.89 5.06
CA ARG A 258 19.26 -15.76 4.36
C ARG A 258 19.94 -16.85 3.53
N SER A 259 21.18 -16.59 3.09
CA SER A 259 21.92 -17.57 2.29
C SER A 259 22.68 -18.54 3.19
N GLY A 260 22.82 -18.17 4.46
CA GLY A 260 23.52 -19.02 5.40
C GLY A 260 24.97 -19.16 5.00
N VAL A 261 25.58 -18.06 4.60
CA VAL A 261 26.97 -18.06 4.17
C VAL A 261 27.72 -16.85 4.73
N LYS A 262 29.01 -16.78 4.43
CA LYS A 262 29.87 -15.69 4.86
C LYS A 262 30.20 -14.84 3.64
N ILE A 263 30.55 -13.58 3.85
CA ILE A 263 30.90 -12.69 2.75
C ILE A 263 32.12 -11.80 3.06
N GLU A 264 33.14 -11.92 2.21
CA GLU A 264 34.37 -11.14 2.36
C GLU A 264 34.41 -9.99 1.36
N ILE A 265 34.43 -8.77 1.88
CA ILE A 265 34.47 -7.57 1.03
C ILE A 265 35.81 -6.87 1.19
N LEU A 266 36.29 -6.27 0.10
CA LEU A 266 37.54 -5.55 0.12
C LEU A 266 37.31 -4.07 -0.16
N SER A 267 37.65 -3.24 0.83
CA SER A 267 37.48 -1.79 0.76
C SER A 267 37.94 -1.12 -0.53
N GLU A 268 39.18 -1.38 -0.94
CA GLU A 268 39.71 -0.77 -2.15
C GLU A 268 39.10 -1.23 -3.46
N LYS A 269 38.04 -2.04 -3.39
CA LYS A 269 37.35 -2.52 -4.59
C LYS A 269 36.01 -1.81 -4.74
N LEU A 270 35.55 -1.19 -3.65
CA LEU A 270 34.29 -0.45 -3.64
C LEU A 270 34.30 0.70 -4.64
N PRO A 271 33.33 0.72 -5.56
CA PRO A 271 33.26 1.78 -6.57
C PRO A 271 32.86 3.12 -5.95
N LEU A 272 33.75 4.10 -6.08
CA LEU A 272 33.57 5.45 -5.55
C LEU A 272 33.45 6.43 -6.71
N SER A 273 32.44 7.29 -6.68
CA SER A 273 32.26 8.27 -7.75
C SER A 273 33.21 9.45 -7.57
N ASN A 274 33.47 10.19 -8.64
CA ASN A 274 34.36 11.33 -8.54
C ASN A 274 33.79 12.38 -7.61
N GLU A 275 32.49 12.64 -7.72
CA GLU A 275 31.86 13.63 -6.85
C GLU A 275 32.01 13.24 -5.37
N LEU A 276 31.84 11.96 -5.04
CA LEU A 276 32.00 11.54 -3.66
C LEU A 276 33.42 11.81 -3.17
N LYS A 277 34.41 11.50 -4.01
CA LYS A 277 35.80 11.74 -3.65
C LYS A 277 36.03 13.24 -3.42
N MET A 278 35.41 14.07 -4.26
CA MET A 278 35.53 15.52 -4.14
C MET A 278 34.86 16.02 -2.86
N TYR A 279 33.76 15.39 -2.46
CA TYR A 279 33.06 15.79 -1.25
C TYR A 279 33.86 15.46 0.01
N CYS A 280 34.42 14.25 0.06
CA CYS A 280 35.20 13.82 1.19
C CYS A 280 36.50 14.60 1.35
N GLU A 281 37.04 15.06 0.22
CA GLU A 281 38.27 15.84 0.23
C GLU A 281 37.97 17.19 0.90
N LYS A 282 36.94 17.85 0.40
CA LYS A 282 36.51 19.15 0.90
C LYS A 282 36.07 19.17 2.36
N TYR A 283 35.37 18.13 2.81
CA TYR A 283 34.91 18.08 4.20
C TYR A 283 35.67 17.11 5.12
N GLY A 284 36.88 16.76 4.73
CA GLY A 284 37.69 15.86 5.53
C GLY A 284 37.04 14.55 5.91
N LYS A 285 36.32 13.95 4.98
CA LYS A 285 35.65 12.68 5.22
C LYS A 285 36.33 11.53 4.49
N ASN A 286 36.09 10.30 4.95
CA ASN A 286 36.68 9.14 4.31
C ASN A 286 35.71 8.48 3.34
N PRO A 287 36.07 8.47 2.05
CA PRO A 287 35.24 7.89 0.98
C PRO A 287 34.76 6.46 1.28
N ILE A 288 35.62 5.66 1.90
CA ILE A 288 35.28 4.27 2.21
C ILE A 288 34.12 4.14 3.21
N GLU A 289 34.11 4.99 4.23
CA GLU A 289 33.05 4.92 5.22
C GLU A 289 31.68 5.18 4.59
N TYR A 290 31.66 6.11 3.64
CA TYR A 290 30.43 6.45 2.92
C TYR A 290 29.97 5.33 2.01
N ALA A 291 30.94 4.61 1.42
CA ALA A 291 30.63 3.50 0.53
C ALA A 291 30.11 2.31 1.31
N LEU A 292 30.59 2.17 2.55
CA LEU A 292 30.18 1.06 3.41
C LEU A 292 28.92 1.32 4.22
N PHE A 293 28.76 2.53 4.72
CA PHE A 293 27.60 2.82 5.55
C PHE A 293 26.59 3.83 5.02
N GLY A 294 26.90 4.47 3.89
CA GLY A 294 25.96 5.41 3.32
C GLY A 294 24.74 4.64 2.85
N GLY A 295 23.56 5.18 3.05
CA GLY A 295 22.36 4.47 2.63
C GLY A 295 21.64 5.11 1.44
N GLU A 296 20.49 4.55 1.12
CA GLU A 296 19.65 5.01 0.01
C GLU A 296 20.38 5.21 -1.32
N ASP A 297 21.32 4.32 -1.63
CA ASP A 297 22.04 4.43 -2.89
C ASP A 297 21.21 3.79 -4.00
N TYR A 298 20.38 2.82 -3.61
CA TYR A 298 19.53 2.09 -4.53
C TYR A 298 20.30 1.49 -5.71
N GLN A 299 21.45 0.92 -5.38
CA GLN A 299 22.24 0.23 -6.37
C GLN A 299 21.88 -1.24 -6.09
N LEU A 300 22.55 -2.17 -6.73
CA LEU A 300 22.23 -3.58 -6.49
C LEU A 300 23.38 -4.35 -5.85
N LEU A 301 23.03 -5.42 -5.14
CA LEU A 301 24.02 -6.29 -4.51
C LEU A 301 23.60 -7.71 -4.88
N PHE A 302 24.37 -8.37 -5.74
CA PHE A 302 24.04 -9.73 -6.18
C PHE A 302 25.28 -10.61 -6.24
N THR A 303 25.07 -11.92 -6.27
CA THR A 303 26.18 -12.86 -6.32
C THR A 303 25.98 -13.93 -7.40
N HIS A 304 27.12 -14.41 -7.90
CA HIS A 304 27.17 -15.47 -8.91
C HIS A 304 28.64 -15.69 -9.31
N PRO A 305 28.93 -16.77 -10.06
CA PRO A 305 30.32 -17.02 -10.48
C PRO A 305 30.85 -15.88 -11.35
N LYS A 306 32.09 -15.45 -11.10
CA LYS A 306 32.70 -14.36 -11.85
C LYS A 306 32.54 -14.42 -13.37
N GLU A 307 32.35 -15.63 -13.92
CA GLU A 307 32.21 -15.82 -15.36
C GLU A 307 30.90 -15.25 -15.92
N ARG A 308 29.88 -15.12 -15.06
CA ARG A 308 28.59 -14.59 -15.50
C ARG A 308 28.67 -13.07 -15.69
N TRP A 309 29.77 -12.50 -15.23
CA TRP A 309 30.04 -11.06 -15.32
C TRP A 309 29.73 -10.50 -16.71
N ASN A 310 29.03 -9.36 -16.74
CA ASN A 310 28.68 -8.71 -18.00
C ASN A 310 29.29 -7.30 -18.01
N PRO A 311 30.47 -7.15 -18.65
CA PRO A 311 31.17 -5.86 -18.74
C PRO A 311 30.42 -4.71 -19.42
N PHE A 312 29.28 -5.00 -20.03
CA PHE A 312 28.49 -3.96 -20.67
C PHE A 312 27.71 -3.19 -19.61
N LEU A 313 27.59 -3.79 -18.42
CA LEU A 313 26.91 -3.19 -17.29
C LEU A 313 28.00 -2.67 -16.38
N ASP A 314 27.73 -1.61 -15.64
CA ASP A 314 28.75 -1.03 -14.75
C ASP A 314 28.84 -1.74 -13.43
N MET A 315 28.89 -3.07 -13.48
CA MET A 315 28.97 -3.85 -12.25
C MET A 315 30.41 -4.02 -11.79
N THR A 316 30.60 -4.05 -10.48
CA THR A 316 31.93 -4.18 -9.91
C THR A 316 32.01 -5.31 -8.90
N GLU A 317 32.99 -6.19 -9.08
CA GLU A 317 33.20 -7.30 -8.15
C GLU A 317 33.84 -6.67 -6.92
N ILE A 318 33.28 -6.95 -5.75
CA ILE A 318 33.81 -6.35 -4.53
C ILE A 318 34.12 -7.38 -3.43
N GLY A 319 33.71 -8.62 -3.64
CA GLY A 319 33.96 -9.65 -2.65
C GLY A 319 33.65 -11.05 -3.13
N ARG A 320 33.48 -11.97 -2.19
CA ARG A 320 33.19 -13.35 -2.54
C ARG A 320 32.38 -14.04 -1.43
N VAL A 321 31.76 -15.16 -1.78
CA VAL A 321 30.98 -15.92 -0.83
C VAL A 321 31.77 -17.13 -0.33
N GLU A 322 32.03 -17.16 0.98
CA GLU A 322 32.77 -18.25 1.60
C GLU A 322 31.84 -18.95 2.58
N GLU A 323 32.26 -20.08 3.16
CA GLU A 323 31.41 -20.77 4.11
C GLU A 323 31.64 -20.23 5.51
N GLY A 324 30.55 -20.00 6.23
CA GLY A 324 30.64 -19.46 7.58
C GLY A 324 29.46 -18.57 7.93
N GLU A 325 29.74 -17.50 8.66
CA GLU A 325 28.69 -16.57 9.07
C GLU A 325 29.18 -15.13 9.02
N GLY A 326 28.22 -14.20 9.00
CA GLY A 326 28.56 -12.79 8.99
C GLY A 326 29.12 -12.18 7.73
N VAL A 327 29.47 -10.90 7.86
CA VAL A 327 30.02 -10.09 6.78
C VAL A 327 31.37 -9.54 7.25
N PHE A 328 32.40 -9.68 6.41
CA PHE A 328 33.74 -9.20 6.75
C PHE A 328 34.31 -8.23 5.73
N VAL A 329 35.03 -7.23 6.23
CA VAL A 329 35.65 -6.22 5.36
C VAL A 329 37.15 -6.20 5.62
N ASP A 330 37.94 -6.55 4.62
CA ASP A 330 39.38 -6.58 4.74
C ASP A 330 39.80 -7.42 5.94
N GLY A 331 39.16 -8.58 6.08
CA GLY A 331 39.48 -9.47 7.18
C GLY A 331 38.77 -9.20 8.50
N LYS A 332 38.37 -7.95 8.74
CA LYS A 332 37.71 -7.59 9.99
C LYS A 332 36.18 -7.64 9.85
N LYS A 333 35.50 -8.14 10.88
CA LYS A 333 34.04 -8.24 10.86
C LYS A 333 33.34 -6.98 11.38
N VAL A 334 32.17 -6.71 10.83
CA VAL A 334 31.36 -5.55 11.22
C VAL A 334 29.88 -5.85 11.02
N GLU A 335 29.02 -5.15 11.75
CA GLU A 335 27.58 -5.34 11.65
C GLU A 335 26.85 -4.00 11.66
N PRO A 336 25.51 -4.02 11.47
CA PRO A 336 24.71 -2.79 11.46
C PRO A 336 25.00 -1.89 12.66
N GLN B 32 4.12 39.50 -0.31
CA GLN B 32 3.00 38.88 -1.08
C GLN B 32 2.30 37.79 -0.29
N GLY B 33 1.21 37.26 -0.83
CA GLY B 33 0.46 36.23 -0.14
C GLY B 33 0.11 35.05 -1.03
N SER B 34 -0.65 34.10 -0.49
CA SER B 34 -1.04 32.93 -1.25
C SER B 34 -2.52 32.90 -1.56
N PHE B 35 -2.83 32.78 -2.85
CA PHE B 35 -4.19 32.73 -3.33
C PHE B 35 -4.35 31.42 -4.10
N THR B 36 -3.43 30.50 -3.84
CA THR B 36 -3.43 29.19 -4.50
C THR B 36 -4.39 28.23 -3.83
N MET B 37 -5.03 27.39 -4.62
CA MET B 37 -5.99 26.44 -4.09
C MET B 37 -5.33 25.39 -3.21
N ARG B 38 -6.00 25.08 -2.10
CA ARG B 38 -5.56 24.08 -1.14
C ARG B 38 -6.53 22.90 -1.25
N LEU B 39 -6.14 21.73 -0.74
CA LEU B 39 -6.98 20.55 -0.80
C LEU B 39 -8.36 20.74 -0.16
N LYS B 40 -8.39 21.18 1.10
CA LYS B 40 -9.65 21.39 1.81
C LYS B 40 -10.75 22.00 0.95
N GLU B 41 -10.37 22.88 0.04
CA GLU B 41 -11.31 23.56 -0.83
C GLU B 41 -11.64 22.74 -2.07
N LEU B 42 -10.69 21.93 -2.52
CA LEU B 42 -10.92 21.11 -3.71
C LEU B 42 -11.76 19.87 -3.41
N GLY B 43 -11.61 19.30 -2.21
CA GLY B 43 -12.36 18.11 -1.85
C GLY B 43 -11.73 16.79 -2.29
N GLU B 44 -12.05 15.70 -1.59
CA GLU B 44 -11.49 14.39 -1.92
C GLU B 44 -11.66 13.99 -3.39
N PHE B 45 -12.91 14.03 -3.87
CA PHE B 45 -13.20 13.62 -5.23
C PHE B 45 -12.75 14.59 -6.31
N GLY B 46 -12.67 15.87 -5.98
CA GLY B 46 -12.22 16.84 -6.96
C GLY B 46 -10.73 16.61 -7.17
N LEU B 47 -10.06 16.14 -6.11
CA LEU B 47 -8.64 15.85 -6.16
C LEU B 47 -8.42 14.60 -6.99
N ILE B 48 -9.26 13.59 -6.76
CA ILE B 48 -9.15 12.33 -7.50
C ILE B 48 -9.30 12.59 -9.00
N ASP B 49 -10.19 13.50 -9.37
CA ASP B 49 -10.37 13.83 -10.77
C ASP B 49 -9.11 14.42 -11.38
N LEU B 50 -8.42 15.27 -10.62
CA LEU B 50 -7.19 15.90 -11.09
C LEU B 50 -6.12 14.84 -11.29
N ILE B 51 -6.00 13.94 -10.32
CA ILE B 51 -5.01 12.88 -10.39
C ILE B 51 -5.24 12.01 -11.62
N LYS B 52 -6.50 11.72 -11.91
CA LYS B 52 -6.86 10.89 -13.05
C LYS B 52 -6.50 11.63 -14.34
N LYS B 53 -6.85 12.90 -14.39
CA LYS B 53 -6.56 13.73 -15.56
C LYS B 53 -5.05 13.80 -15.76
N THR B 54 -4.31 14.01 -14.67
CA THR B 54 -2.87 14.11 -14.75
C THR B 54 -2.20 12.82 -15.21
N LEU B 55 -2.72 11.68 -14.77
CA LEU B 55 -2.14 10.40 -15.16
C LEU B 55 -2.74 9.93 -16.47
N GLU B 56 -3.77 10.64 -16.93
CA GLU B 56 -4.45 10.28 -18.17
C GLU B 56 -4.90 8.82 -18.01
N SER B 57 -5.45 8.51 -16.84
CA SER B 57 -5.91 7.16 -16.53
C SER B 57 -7.33 6.84 -17.00
N LYS B 58 -7.52 5.61 -17.44
CA LYS B 58 -8.83 5.16 -17.90
C LYS B 58 -9.48 4.22 -16.89
N VAL B 59 -8.66 3.52 -16.10
CA VAL B 59 -9.15 2.57 -15.12
C VAL B 59 -9.64 3.16 -13.80
N ILE B 60 -8.97 4.21 -13.31
CA ILE B 60 -9.33 4.85 -12.06
C ILE B 60 -10.81 5.21 -12.03
N GLY B 61 -11.44 5.03 -10.88
CA GLY B 61 -12.86 5.37 -10.77
C GLY B 61 -13.72 4.40 -9.98
N ASP B 62 -13.36 3.12 -9.98
CA ASP B 62 -14.15 2.13 -9.26
C ASP B 62 -13.53 1.71 -7.92
N ASP B 63 -14.17 0.75 -7.26
CA ASP B 63 -13.70 0.25 -5.97
C ASP B 63 -12.34 -0.40 -6.11
N THR B 64 -12.06 -0.95 -7.29
CA THR B 64 -10.78 -1.60 -7.54
C THR B 64 -10.32 -1.24 -8.94
N ALA B 65 -9.09 -1.60 -9.28
CA ALA B 65 -8.56 -1.31 -10.60
C ALA B 65 -8.35 -2.63 -11.32
N PRO B 66 -9.22 -2.94 -12.30
CA PRO B 66 -9.09 -4.19 -13.05
C PRO B 66 -7.96 -4.08 -14.05
N VAL B 67 -7.10 -5.08 -14.12
CA VAL B 67 -6.01 -5.08 -15.09
C VAL B 67 -6.04 -6.42 -15.78
N GLU B 68 -6.02 -6.39 -17.11
CA GLU B 68 -6.06 -7.60 -17.91
C GLU B 68 -4.76 -8.38 -17.74
N TYR B 69 -4.86 -9.62 -17.31
CA TYR B 69 -3.68 -10.45 -17.15
C TYR B 69 -4.02 -11.92 -17.26
N CYS B 70 -3.26 -12.61 -18.10
CA CYS B 70 -3.42 -14.03 -18.32
C CYS B 70 -4.88 -14.44 -18.57
N SER B 71 -5.51 -13.81 -19.56
CA SER B 71 -6.89 -14.09 -19.93
C SER B 71 -7.93 -13.80 -18.87
N LYS B 72 -7.48 -13.44 -17.67
CA LYS B 72 -8.40 -13.13 -16.60
C LYS B 72 -8.16 -11.69 -16.15
N LYS B 73 -8.95 -11.20 -15.19
CA LYS B 73 -8.79 -9.84 -14.69
C LYS B 73 -8.34 -9.78 -13.23
N LEU B 74 -7.16 -9.20 -13.00
CA LEU B 74 -6.62 -9.04 -11.66
C LEU B 74 -7.16 -7.74 -11.08
N LEU B 75 -7.65 -7.77 -9.85
CA LEU B 75 -8.20 -6.57 -9.23
C LEU B 75 -7.26 -6.01 -8.17
N LEU B 76 -6.88 -4.74 -8.30
CA LEU B 76 -5.98 -4.12 -7.35
C LEU B 76 -6.69 -3.00 -6.60
N THR B 77 -6.56 -2.98 -5.27
CA THR B 77 -7.21 -1.94 -4.48
C THR B 77 -6.50 -1.66 -3.16
N THR B 78 -6.80 -0.50 -2.58
CA THR B 78 -6.19 -0.13 -1.32
C THR B 78 -7.10 0.75 -0.48
N ASP B 79 -7.03 0.57 0.83
CA ASP B 79 -7.81 1.35 1.80
C ASP B 79 -6.93 1.59 3.01
N VAL B 80 -7.25 2.63 3.78
CA VAL B 80 -6.47 2.98 4.94
C VAL B 80 -7.29 3.18 6.21
N LEU B 81 -6.67 2.83 7.34
CA LEU B 81 -7.28 2.99 8.64
C LEU B 81 -6.26 3.75 9.48
N ASN B 82 -6.53 5.02 9.77
CA ASN B 82 -5.62 5.84 10.56
C ASN B 82 -6.14 6.05 11.98
N GLU B 83 -5.23 6.02 12.95
CA GLU B 83 -5.60 6.22 14.34
C GLU B 83 -6.14 7.63 14.55
N GLY B 84 -7.26 7.73 15.26
CA GLY B 84 -7.85 9.03 15.51
C GLY B 84 -8.89 9.41 14.47
N VAL B 85 -8.94 8.64 13.38
CA VAL B 85 -9.90 8.90 12.34
C VAL B 85 -10.82 7.71 12.15
N HIS B 86 -10.25 6.53 11.97
CA HIS B 86 -11.04 5.34 11.74
C HIS B 86 -11.15 4.42 12.94
N PHE B 87 -10.22 4.54 13.89
CA PHE B 87 -10.25 3.68 15.07
C PHE B 87 -9.43 4.38 16.14
N LEU B 88 -9.50 3.86 17.37
CA LEU B 88 -8.74 4.42 18.50
C LEU B 88 -7.80 3.35 19.03
N ARG B 89 -6.63 3.75 19.49
CA ARG B 89 -5.66 2.78 20.00
C ARG B 89 -6.25 1.90 21.10
N SER B 90 -7.34 2.36 21.71
CA SER B 90 -7.98 1.59 22.77
C SER B 90 -8.92 0.48 22.23
N TYR B 91 -9.17 0.47 20.92
CA TYR B 91 -10.03 -0.56 20.33
C TYR B 91 -9.28 -1.88 20.35
N ILE B 92 -10.00 -2.98 20.54
CA ILE B 92 -9.38 -4.30 20.57
C ILE B 92 -8.54 -4.42 19.31
N PRO B 93 -7.22 -4.62 19.47
CA PRO B 93 -6.31 -4.73 18.32
C PRO B 93 -6.73 -5.79 17.29
N GLU B 94 -7.03 -7.01 17.73
CA GLU B 94 -7.42 -8.04 16.79
C GLU B 94 -8.60 -7.61 15.91
N ALA B 95 -9.53 -6.85 16.47
CA ALA B 95 -10.68 -6.40 15.67
C ALA B 95 -10.25 -5.43 14.58
N VAL B 96 -9.31 -4.54 14.92
CA VAL B 96 -8.80 -3.57 13.96
C VAL B 96 -8.07 -4.35 12.87
N GLY B 97 -7.43 -5.44 13.27
CA GLY B 97 -6.71 -6.28 12.33
C GLY B 97 -7.68 -7.00 11.41
N TRP B 98 -8.82 -7.39 11.96
CA TRP B 98 -9.83 -8.08 11.17
C TRP B 98 -10.48 -7.07 10.19
N LYS B 99 -10.75 -5.87 10.69
CA LYS B 99 -11.37 -4.86 9.87
C LYS B 99 -10.45 -4.39 8.72
N ALA B 100 -9.15 -4.29 9.01
CA ALA B 100 -8.19 -3.85 8.01
C ALA B 100 -8.29 -4.70 6.75
N ILE B 101 -8.34 -6.02 6.92
CA ILE B 101 -8.46 -6.91 5.79
C ILE B 101 -9.87 -6.85 5.19
N SER B 102 -10.88 -6.93 6.05
CA SER B 102 -12.28 -6.92 5.60
C SER B 102 -12.72 -5.77 4.69
N VAL B 103 -12.34 -4.53 4.98
CA VAL B 103 -12.79 -3.43 4.14
C VAL B 103 -12.19 -3.47 2.73
N ASN B 104 -10.99 -4.02 2.60
CA ASN B 104 -10.36 -4.14 1.28
C ASN B 104 -10.95 -5.30 0.51
N VAL B 105 -11.22 -6.39 1.21
CA VAL B 105 -11.81 -7.56 0.59
C VAL B 105 -13.21 -7.17 0.13
N SER B 106 -13.86 -6.29 0.89
CA SER B 106 -15.19 -5.84 0.52
C SER B 106 -15.17 -5.14 -0.84
N ASP B 107 -14.12 -4.35 -1.10
CA ASP B 107 -14.01 -3.64 -2.38
C ASP B 107 -13.85 -4.63 -3.52
N VAL B 108 -12.96 -5.60 -3.34
CA VAL B 108 -12.75 -6.63 -4.34
C VAL B 108 -14.08 -7.35 -4.60
N ILE B 109 -14.75 -7.73 -3.52
CA ILE B 109 -16.04 -8.41 -3.59
C ILE B 109 -17.06 -7.61 -4.39
N ALA B 110 -17.08 -6.30 -4.18
CA ALA B 110 -18.03 -5.44 -4.86
C ALA B 110 -17.87 -5.42 -6.38
N ASN B 111 -16.66 -5.67 -6.87
CA ASN B 111 -16.44 -5.66 -8.32
C ASN B 111 -16.36 -7.09 -8.88
N GLY B 112 -16.91 -8.03 -8.11
CA GLY B 112 -16.98 -9.42 -8.54
C GLY B 112 -15.75 -10.31 -8.52
N GLY B 113 -14.80 -10.06 -7.63
CA GLY B 113 -13.62 -10.91 -7.60
C GLY B 113 -13.37 -11.54 -6.24
N LEU B 114 -12.35 -12.40 -6.19
CA LEU B 114 -11.97 -13.06 -4.95
C LEU B 114 -10.56 -12.60 -4.57
N PRO B 115 -10.32 -12.40 -3.26
CA PRO B 115 -9.02 -11.95 -2.73
C PRO B 115 -7.97 -13.04 -2.84
N LYS B 116 -6.76 -12.65 -3.24
CA LYS B 116 -5.67 -13.59 -3.37
C LYS B 116 -4.53 -13.21 -2.44
N TRP B 117 -3.94 -12.04 -2.66
CA TRP B 117 -2.81 -11.61 -1.85
C TRP B 117 -2.91 -10.17 -1.36
N ALA B 118 -2.28 -9.90 -0.23
CA ALA B 118 -2.29 -8.55 0.33
C ALA B 118 -0.98 -8.16 1.02
N LEU B 119 -0.72 -6.86 1.01
CA LEU B 119 0.45 -6.29 1.64
C LEU B 119 -0.06 -5.29 2.68
N ILE B 120 0.60 -5.22 3.83
CA ILE B 120 0.19 -4.29 4.85
C ILE B 120 1.33 -3.34 5.20
N SER B 121 1.10 -2.04 4.95
CA SER B 121 2.09 -1.02 5.23
C SER B 121 1.70 -0.36 6.56
N LEU B 122 2.57 -0.50 7.56
CA LEU B 122 2.31 0.05 8.90
C LEU B 122 3.17 1.24 9.32
N ASN B 123 2.49 2.31 9.74
CA ASN B 123 3.15 3.49 10.26
C ASN B 123 3.02 3.29 11.76
N LEU B 124 4.13 3.08 12.45
CA LEU B 124 4.08 2.84 13.88
C LEU B 124 4.90 3.71 14.81
N PRO B 125 4.37 4.01 16.00
CA PRO B 125 5.01 4.82 17.04
C PRO B 125 5.95 3.86 17.77
N GLU B 126 7.21 4.24 17.96
CA GLU B 126 8.14 3.36 18.66
C GLU B 126 7.70 3.04 20.11
N ASP B 127 6.88 3.92 20.68
CA ASP B 127 6.38 3.74 22.04
C ASP B 127 5.25 2.70 22.13
N LEU B 128 4.74 2.25 20.99
CA LEU B 128 3.64 1.26 20.99
C LEU B 128 4.03 -0.12 21.57
N GLU B 129 3.06 -0.75 22.24
CA GLU B 129 3.25 -2.06 22.85
C GLU B 129 3.35 -3.12 21.77
N VAL B 130 4.37 -3.98 21.86
CA VAL B 130 4.55 -5.02 20.86
C VAL B 130 3.34 -5.95 20.79
N SER B 131 2.64 -6.11 21.91
CA SER B 131 1.46 -6.97 21.94
C SER B 131 0.37 -6.40 21.03
N TYR B 132 0.27 -5.07 20.97
CA TYR B 132 -0.75 -4.44 20.13
C TYR B 132 -0.53 -4.91 18.70
N VAL B 133 0.71 -4.85 18.24
CA VAL B 133 1.05 -5.28 16.89
C VAL B 133 0.80 -6.77 16.68
N GLU B 134 1.18 -7.61 17.64
CA GLU B 134 0.97 -9.04 17.53
C GLU B 134 -0.53 -9.39 17.47
N ARG B 135 -1.31 -8.70 18.30
CA ARG B 135 -2.76 -8.93 18.34
C ARG B 135 -3.43 -8.49 17.05
N PHE B 136 -2.91 -7.41 16.46
CA PHE B 136 -3.44 -6.90 15.21
C PHE B 136 -3.27 -7.99 14.15
N TYR B 137 -2.07 -8.57 14.08
CA TYR B 137 -1.82 -9.60 13.10
C TYR B 137 -2.54 -10.92 13.36
N ILE B 138 -3.00 -11.12 14.58
CA ILE B 138 -3.77 -12.32 14.91
C ILE B 138 -5.13 -12.17 14.22
N GLY B 139 -5.72 -10.97 14.34
CA GLY B 139 -7.00 -10.70 13.71
C GLY B 139 -6.84 -10.67 12.19
N VAL B 140 -5.69 -10.21 11.73
CA VAL B 140 -5.39 -10.17 10.30
C VAL B 140 -5.32 -11.61 9.82
N LYS B 141 -4.67 -12.46 10.62
CA LYS B 141 -4.53 -13.87 10.27
C LYS B 141 -5.90 -14.55 10.14
N ARG B 142 -6.77 -14.31 11.11
CA ARG B 142 -8.10 -14.89 11.10
C ARG B 142 -8.86 -14.46 9.85
N ALA B 143 -8.87 -13.17 9.58
CA ALA B 143 -9.56 -12.64 8.40
C ALA B 143 -9.08 -13.33 7.15
N CYS B 144 -7.76 -13.47 7.02
CA CYS B 144 -7.17 -14.12 5.86
C CYS B 144 -7.58 -15.58 5.68
N GLU B 145 -7.73 -16.29 6.78
CA GLU B 145 -8.11 -17.70 6.68
C GLU B 145 -9.59 -17.79 6.33
N PHE B 146 -10.36 -16.80 6.77
CA PHE B 146 -11.79 -16.75 6.51
C PHE B 146 -12.11 -16.43 5.05
N TYR B 147 -11.48 -15.38 4.51
CA TYR B 147 -11.70 -14.95 3.13
C TYR B 147 -10.84 -15.70 2.10
N LYS B 148 -10.02 -16.61 2.59
CA LYS B 148 -9.13 -17.42 1.75
C LYS B 148 -8.07 -16.62 0.98
N CYS B 149 -7.59 -15.53 1.57
CA CYS B 149 -6.56 -14.70 0.97
C CYS B 149 -5.33 -14.80 1.86
N GLU B 150 -4.23 -14.18 1.46
CA GLU B 150 -3.01 -14.28 2.26
C GLU B 150 -2.20 -12.99 2.28
N VAL B 151 -1.66 -12.64 3.45
CA VAL B 151 -0.83 -11.46 3.57
C VAL B 151 0.60 -11.95 3.32
N VAL B 152 1.20 -11.54 2.21
CA VAL B 152 2.54 -11.99 1.85
C VAL B 152 3.70 -11.03 2.07
N GLY B 153 3.43 -9.86 2.63
CA GLY B 153 4.47 -8.88 2.86
C GLY B 153 3.91 -7.54 3.29
N GLY B 154 4.79 -6.55 3.45
CA GLY B 154 4.35 -5.23 3.85
C GLY B 154 5.50 -4.30 4.19
N ASN B 155 5.24 -3.35 5.08
CA ASN B 155 6.26 -2.39 5.46
C ASN B 155 6.09 -1.89 6.89
N ILE B 156 7.20 -1.44 7.47
CA ILE B 156 7.22 -0.89 8.83
C ILE B 156 7.91 0.49 8.78
N SER B 157 7.22 1.53 9.25
CA SER B 157 7.78 2.88 9.29
C SER B 157 7.47 3.59 10.61
N LYS B 158 8.35 4.50 11.00
CA LYS B 158 8.18 5.24 12.24
C LYS B 158 7.25 6.43 12.04
N SER B 159 6.37 6.66 13.00
CA SER B 159 5.43 7.77 12.93
C SER B 159 4.84 8.15 14.30
N GLU B 160 4.19 9.31 14.36
CA GLU B 160 3.57 9.80 15.58
C GLU B 160 2.40 8.89 15.95
N LYS B 161 1.48 8.73 15.01
CA LYS B 161 0.30 7.90 15.24
C LYS B 161 0.28 6.67 14.35
N ILE B 162 -0.52 5.68 14.73
CA ILE B 162 -0.65 4.45 13.99
C ILE B 162 -1.33 4.64 12.62
N GLY B 163 -0.66 4.18 11.58
CA GLY B 163 -1.20 4.29 10.24
C GLY B 163 -1.20 2.92 9.62
N ILE B 164 -2.39 2.51 9.15
CA ILE B 164 -2.54 1.20 8.52
C ILE B 164 -2.99 1.34 7.06
N SER B 165 -2.14 0.89 6.14
CA SER B 165 -2.44 0.94 4.70
C SER B 165 -2.33 -0.46 4.12
N VAL B 166 -3.45 -1.01 3.67
CA VAL B 166 -3.41 -2.35 3.10
C VAL B 166 -3.70 -2.38 1.60
N PHE B 167 -2.84 -3.12 0.90
CA PHE B 167 -2.92 -3.31 -0.55
C PHE B 167 -3.41 -4.74 -0.79
N LEU B 168 -4.50 -4.87 -1.53
CA LEU B 168 -5.05 -6.18 -1.80
C LEU B 168 -5.15 -6.48 -3.30
N VAL B 169 -4.83 -7.72 -3.66
CA VAL B 169 -4.91 -8.16 -5.04
C VAL B 169 -5.88 -9.34 -5.18
N GLY B 170 -6.93 -9.15 -5.97
CA GLY B 170 -7.89 -10.21 -6.21
C GLY B 170 -7.95 -10.58 -7.68
N GLU B 171 -8.73 -11.60 -8.01
CA GLU B 171 -8.87 -12.02 -9.40
C GLU B 171 -10.34 -12.22 -9.70
N THR B 172 -10.72 -12.03 -10.97
CA THR B 172 -12.10 -12.21 -11.39
C THR B 172 -12.19 -12.58 -12.86
N GLU B 173 -13.21 -13.35 -13.19
CA GLU B 173 -13.43 -13.77 -14.56
C GLU B 173 -14.33 -12.75 -15.26
N ARG B 174 -14.80 -11.76 -14.50
CA ARG B 174 -15.65 -10.71 -15.05
C ARG B 174 -15.79 -9.50 -14.12
N PHE B 175 -15.07 -8.44 -14.44
CA PHE B 175 -15.11 -7.21 -13.66
C PHE B 175 -16.50 -6.55 -13.71
N VAL B 176 -16.92 -5.99 -12.59
CA VAL B 176 -18.22 -5.32 -12.52
C VAL B 176 -18.06 -3.98 -11.83
N GLY B 177 -17.83 -2.92 -12.60
CA GLY B 177 -17.66 -1.59 -12.02
C GLY B 177 -18.94 -0.87 -11.65
N ARG B 178 -18.87 0.46 -11.53
CA ARG B 178 -20.03 1.29 -11.17
C ARG B 178 -20.70 1.99 -12.36
N ASP B 179 -20.36 1.61 -13.58
CA ASP B 179 -20.93 2.29 -14.74
C ASP B 179 -21.90 1.47 -15.59
N GLY B 180 -21.98 0.17 -15.34
CA GLY B 180 -22.86 -0.68 -16.13
C GLY B 180 -24.34 -0.73 -15.82
N ALA B 181 -24.82 0.19 -15.00
CA ALA B 181 -26.26 0.21 -14.65
C ALA B 181 -27.15 0.52 -15.85
N ARG B 182 -28.13 -0.36 -16.09
CA ARG B 182 -29.07 -0.19 -17.21
C ARG B 182 -30.42 0.32 -16.72
N LEU B 183 -31.15 0.99 -17.61
CA LEU B 183 -32.46 1.52 -17.25
C LEU B 183 -33.39 0.36 -16.96
N GLY B 184 -34.36 0.60 -16.08
CA GLY B 184 -35.30 -0.45 -15.72
C GLY B 184 -34.74 -1.39 -14.66
N ASP B 185 -33.42 -1.39 -14.51
CA ASP B 185 -32.73 -2.23 -13.52
C ASP B 185 -33.23 -1.99 -12.10
N SER B 186 -33.31 -3.07 -11.32
CA SER B 186 -33.73 -2.97 -9.93
C SER B 186 -32.47 -2.73 -9.10
N VAL B 187 -32.61 -1.95 -8.03
CA VAL B 187 -31.48 -1.64 -7.15
C VAL B 187 -31.52 -2.47 -5.86
N PHE B 188 -30.40 -3.12 -5.53
CA PHE B 188 -30.34 -3.95 -4.34
C PHE B 188 -29.25 -3.56 -3.35
N VAL B 189 -29.34 -4.14 -2.15
CA VAL B 189 -28.37 -3.95 -1.09
C VAL B 189 -28.33 -5.27 -0.33
N SER B 190 -27.23 -5.55 0.35
CA SER B 190 -27.13 -6.79 1.10
C SER B 190 -27.35 -6.46 2.57
N GLY B 191 -27.51 -7.50 3.39
CA GLY B 191 -27.72 -7.33 4.82
C GLY B 191 -28.70 -6.23 5.23
N THR B 192 -28.32 -5.45 6.23
CA THR B 192 -29.16 -4.35 6.71
C THR B 192 -28.31 -3.08 6.72
N LEU B 193 -28.94 -1.93 6.92
CA LEU B 193 -28.22 -0.67 6.89
C LEU B 193 -28.34 0.21 8.13
N GLY B 194 -27.25 0.89 8.47
CA GLY B 194 -27.22 1.78 9.60
C GLY B 194 -26.72 1.19 10.89
N ASP B 195 -26.43 -0.10 10.89
CA ASP B 195 -25.95 -0.78 12.08
C ASP B 195 -24.61 -0.23 12.55
N SER B 196 -23.66 -0.15 11.63
CA SER B 196 -22.32 0.33 11.94
C SER B 196 -22.33 1.72 12.58
N ARG B 197 -23.24 2.59 12.14
CA ARG B 197 -23.28 3.92 12.73
C ARG B 197 -23.78 3.86 14.17
N ALA B 198 -24.73 2.97 14.46
CA ALA B 198 -25.21 2.85 15.83
C ALA B 198 -24.04 2.28 16.65
N GLY B 199 -23.36 1.31 16.06
CA GLY B 199 -22.22 0.70 16.73
C GLY B 199 -21.22 1.74 17.19
N LEU B 200 -20.77 2.59 16.27
CA LEU B 200 -19.79 3.63 16.61
C LEU B 200 -20.33 4.59 17.66
N GLU B 201 -21.58 5.02 17.51
CA GLU B 201 -22.15 5.94 18.50
C GLU B 201 -22.14 5.31 19.89
N LEU B 202 -22.41 4.00 19.96
CA LEU B 202 -22.40 3.29 21.24
C LEU B 202 -20.99 3.30 21.83
N LEU B 203 -20.01 3.02 20.97
CA LEU B 203 -18.60 3.00 21.36
C LEU B 203 -18.18 4.33 21.98
N LEU B 204 -18.60 5.43 21.36
CA LEU B 204 -18.29 6.76 21.83
C LEU B 204 -18.96 7.12 23.16
N MET B 205 -19.88 6.27 23.62
CA MET B 205 -20.56 6.50 24.89
C MET B 205 -19.68 5.99 26.04
N GLU B 206 -18.62 5.28 25.67
CA GLU B 206 -17.65 4.72 26.61
C GLU B 206 -18.27 4.10 27.86
N LYS B 207 -19.38 3.39 27.68
CA LYS B 207 -20.06 2.73 28.79
C LYS B 207 -19.17 1.59 29.26
N GLU B 208 -19.28 1.24 30.54
CA GLU B 208 -18.48 0.17 31.10
C GLU B 208 -19.05 -1.19 30.68
N GLU B 209 -20.33 -1.19 30.32
CA GLU B 209 -21.01 -2.41 29.91
C GLU B 209 -22.12 -2.12 28.90
N TYR B 210 -22.33 -3.04 27.97
CA TYR B 210 -23.37 -2.85 26.97
C TYR B 210 -24.35 -4.00 26.94
N GLU B 211 -25.56 -3.72 26.48
CA GLU B 211 -26.58 -4.75 26.36
C GLU B 211 -26.22 -5.59 25.14
N PRO B 212 -26.55 -6.89 25.18
CA PRO B 212 -26.27 -7.82 24.09
C PRO B 212 -26.59 -7.26 22.69
N PHE B 213 -27.72 -6.57 22.55
CA PHE B 213 -28.10 -6.02 21.26
C PHE B 213 -27.16 -4.88 20.90
N GLU B 214 -26.70 -4.14 21.91
CA GLU B 214 -25.77 -3.04 21.68
C GLU B 214 -24.42 -3.60 21.26
N LEU B 215 -24.02 -4.75 21.83
CA LEU B 215 -22.75 -5.37 21.45
C LEU B 215 -22.79 -5.89 20.01
N ALA B 216 -23.96 -6.36 19.58
CA ALA B 216 -24.12 -6.84 18.22
C ALA B 216 -23.86 -5.67 17.27
N LEU B 217 -24.33 -4.48 17.65
CA LEU B 217 -24.14 -3.29 16.84
C LEU B 217 -22.66 -2.88 16.81
N ILE B 218 -22.03 -2.82 17.98
CA ILE B 218 -20.62 -2.46 18.09
C ILE B 218 -19.83 -3.42 17.22
N GLN B 219 -20.25 -4.68 17.27
CA GLN B 219 -19.64 -5.76 16.50
C GLN B 219 -19.64 -5.45 14.99
N ARG B 220 -20.79 -5.03 14.48
CA ARG B 220 -20.89 -4.72 13.05
C ARG B 220 -20.01 -3.55 12.63
N HIS B 221 -19.69 -2.67 13.58
CA HIS B 221 -18.83 -1.52 13.29
C HIS B 221 -17.36 -1.90 13.40
N LEU B 222 -16.99 -2.59 14.47
CA LEU B 222 -15.61 -3.02 14.72
C LEU B 222 -15.14 -4.22 13.90
N ARG B 223 -16.01 -5.22 13.71
CA ARG B 223 -15.65 -6.40 12.95
C ARG B 223 -16.59 -6.64 11.77
N PRO B 224 -16.59 -5.74 10.78
CA PRO B 224 -17.48 -5.95 9.64
C PRO B 224 -17.07 -7.18 8.86
N THR B 225 -18.04 -7.88 8.29
CA THR B 225 -17.74 -9.06 7.51
C THR B 225 -18.04 -8.77 6.03
N ALA B 226 -17.00 -8.87 5.21
CA ALA B 226 -17.13 -8.62 3.79
C ALA B 226 -18.06 -9.67 3.17
N ARG B 227 -18.98 -9.23 2.31
CA ARG B 227 -19.94 -10.12 1.67
C ARG B 227 -19.36 -11.05 0.61
N ILE B 228 -18.32 -11.77 1.01
CA ILE B 228 -17.63 -12.71 0.15
C ILE B 228 -18.63 -13.77 -0.38
N ASP B 229 -19.81 -13.84 0.24
CA ASP B 229 -20.84 -14.80 -0.16
C ASP B 229 -21.65 -14.36 -1.38
N TYR B 230 -21.38 -13.14 -1.86
CA TYR B 230 -22.06 -12.59 -3.03
C TYR B 230 -21.21 -12.59 -4.30
N VAL B 231 -19.96 -13.02 -4.19
CA VAL B 231 -19.06 -13.01 -5.35
C VAL B 231 -19.68 -13.60 -6.61
N LYS B 232 -20.04 -14.88 -6.59
CA LYS B 232 -20.61 -15.51 -7.75
C LYS B 232 -21.81 -14.72 -8.31
N HIS B 233 -22.72 -14.33 -7.43
CA HIS B 233 -23.87 -13.57 -7.90
C HIS B 233 -23.47 -12.28 -8.60
N ILE B 234 -22.60 -11.50 -7.97
CA ILE B 234 -22.15 -10.24 -8.57
C ILE B 234 -21.45 -10.48 -9.90
N GLN B 235 -20.49 -11.40 -9.90
CA GLN B 235 -19.72 -11.72 -11.09
C GLN B 235 -20.58 -12.15 -12.29
N LYS B 236 -21.64 -12.91 -12.02
CA LYS B 236 -22.48 -13.40 -13.10
C LYS B 236 -23.71 -12.60 -13.50
N TYR B 237 -24.33 -11.86 -12.58
CA TYR B 237 -25.56 -11.13 -12.93
C TYR B 237 -25.70 -9.66 -12.59
N ALA B 238 -24.63 -9.01 -12.19
CA ALA B 238 -24.73 -7.59 -11.85
C ALA B 238 -24.29 -6.69 -13.00
N ASN B 239 -25.00 -5.59 -13.20
CA ASN B 239 -24.64 -4.64 -14.26
C ASN B 239 -23.71 -3.60 -13.66
N ALA B 240 -24.06 -3.17 -12.44
CA ALA B 240 -23.28 -2.18 -11.70
C ALA B 240 -23.17 -2.70 -10.26
N SER B 241 -22.01 -2.51 -9.64
CA SER B 241 -21.81 -2.98 -8.27
C SER B 241 -20.73 -2.23 -7.48
N MET B 242 -20.97 -2.08 -6.18
CA MET B 242 -20.03 -1.42 -5.28
C MET B 242 -20.46 -1.70 -3.84
N ASP B 243 -19.59 -1.42 -2.88
CA ASP B 243 -19.96 -1.65 -1.49
C ASP B 243 -20.36 -0.30 -0.86
N ILE B 244 -21.20 -0.36 0.16
CA ILE B 244 -21.67 0.85 0.84
C ILE B 244 -20.71 1.19 1.98
N SER B 245 -19.83 2.15 1.71
CA SER B 245 -18.82 2.57 2.66
C SER B 245 -19.08 3.91 3.33
N ASP B 246 -19.47 4.91 2.53
CA ASP B 246 -19.75 6.24 3.06
C ASP B 246 -21.21 6.45 3.42
N GLY B 247 -22.06 5.50 3.07
CA GLY B 247 -23.49 5.62 3.34
C GLY B 247 -24.25 5.31 2.06
N LEU B 248 -25.53 4.99 2.18
CA LEU B 248 -26.33 4.66 0.99
C LEU B 248 -26.51 5.80 0.00
N VAL B 249 -27.06 6.92 0.46
CA VAL B 249 -27.27 8.05 -0.43
C VAL B 249 -25.98 8.50 -1.08
N ALA B 250 -24.95 8.74 -0.28
CA ALA B 250 -23.66 9.18 -0.78
C ALA B 250 -23.06 8.23 -1.81
N ASP B 251 -23.10 6.94 -1.52
CA ASP B 251 -22.53 5.97 -2.46
C ASP B 251 -23.43 5.68 -3.65
N ALA B 252 -24.73 5.91 -3.50
CA ALA B 252 -25.67 5.70 -4.60
C ALA B 252 -25.36 6.72 -5.70
N ASN B 253 -25.01 7.94 -5.28
CA ASN B 253 -24.67 9.02 -6.20
C ASN B 253 -23.50 8.66 -7.08
N HIS B 254 -22.43 8.13 -6.46
CA HIS B 254 -21.26 7.75 -7.24
C HIS B 254 -21.70 6.75 -8.30
N LEU B 255 -22.64 5.88 -7.94
CA LEU B 255 -23.15 4.87 -8.85
C LEU B 255 -24.03 5.49 -9.94
N ALA B 256 -24.88 6.43 -9.54
CA ALA B 256 -25.80 7.12 -10.44
C ALA B 256 -25.11 7.92 -11.55
N GLN B 257 -24.19 8.79 -11.17
CA GLN B 257 -23.50 9.61 -12.15
C GLN B 257 -22.43 8.81 -12.90
N ARG B 258 -21.93 7.75 -12.29
CA ARG B 258 -20.92 6.95 -12.96
C ARG B 258 -21.58 6.11 -14.05
N SER B 259 -22.88 5.86 -13.92
CA SER B 259 -23.60 5.08 -14.90
C SER B 259 -24.37 5.97 -15.88
N GLY B 260 -24.60 7.21 -15.48
CA GLY B 260 -25.33 8.14 -16.33
C GLY B 260 -26.82 7.86 -16.26
N VAL B 261 -27.30 7.68 -15.05
CA VAL B 261 -28.71 7.40 -14.81
C VAL B 261 -29.10 8.02 -13.48
N LYS B 262 -30.37 7.90 -13.12
CA LYS B 262 -30.83 8.43 -11.84
C LYS B 262 -31.43 7.28 -11.04
N ILE B 263 -30.92 7.08 -9.83
CA ILE B 263 -31.41 6.01 -8.98
C ILE B 263 -32.47 6.54 -8.03
N GLU B 264 -33.61 5.86 -7.99
CA GLU B 264 -34.70 6.27 -7.13
C GLU B 264 -34.92 5.17 -6.09
N ILE B 265 -34.94 5.55 -4.83
CA ILE B 265 -35.10 4.60 -3.71
C ILE B 265 -36.27 4.91 -2.80
N LEU B 266 -36.92 3.86 -2.30
CA LEU B 266 -38.05 4.00 -1.40
C LEU B 266 -37.64 3.65 0.04
N SER B 267 -37.42 4.67 0.86
CA SER B 267 -37.00 4.51 2.25
C SER B 267 -37.68 3.38 3.02
N GLU B 268 -38.96 3.16 2.74
CA GLU B 268 -39.73 2.12 3.42
C GLU B 268 -39.32 0.69 3.04
N LYS B 269 -38.43 0.56 2.06
CA LYS B 269 -37.98 -0.76 1.62
C LYS B 269 -36.56 -1.06 2.12
N LEU B 270 -35.98 -0.08 2.81
CA LEU B 270 -34.63 -0.19 3.37
C LEU B 270 -34.57 -1.28 4.44
N PRO B 271 -33.61 -2.21 4.32
CA PRO B 271 -33.44 -3.31 5.28
C PRO B 271 -32.95 -2.83 6.65
N LEU B 272 -33.77 -3.05 7.68
CA LEU B 272 -33.42 -2.67 9.05
C LEU B 272 -33.30 -3.92 9.92
N SER B 273 -32.35 -3.89 10.85
CA SER B 273 -32.14 -5.02 11.78
C SER B 273 -32.93 -4.77 13.05
N ASN B 274 -33.21 -5.83 13.79
CA ASN B 274 -33.93 -5.67 15.04
C ASN B 274 -33.10 -4.84 16.01
N GLU B 275 -31.81 -5.17 16.12
CA GLU B 275 -30.94 -4.42 17.02
C GLU B 275 -30.87 -2.94 16.69
N LEU B 276 -30.91 -2.59 15.41
CA LEU B 276 -30.90 -1.17 15.04
C LEU B 276 -32.21 -0.50 15.47
N LYS B 277 -33.33 -1.06 15.05
CA LYS B 277 -34.64 -0.51 15.42
C LYS B 277 -34.68 -0.44 16.94
N MET B 278 -34.08 -1.45 17.57
CA MET B 278 -33.99 -1.55 19.02
C MET B 278 -33.22 -0.35 19.57
N TYR B 279 -32.06 -0.07 18.97
CA TYR B 279 -31.23 1.05 19.39
C TYR B 279 -31.94 2.40 19.25
N CYS B 280 -32.60 2.60 18.11
CA CYS B 280 -33.29 3.85 17.84
C CYS B 280 -34.44 4.17 18.80
N GLU B 281 -35.19 3.14 19.19
CA GLU B 281 -36.29 3.34 20.12
C GLU B 281 -35.74 3.69 21.49
N LYS B 282 -34.71 2.95 21.92
CA LYS B 282 -34.10 3.19 23.22
C LYS B 282 -33.46 4.58 23.35
N TYR B 283 -32.91 5.09 22.25
CA TYR B 283 -32.27 6.40 22.31
C TYR B 283 -33.02 7.47 21.53
N GLY B 284 -34.25 7.15 21.13
CA GLY B 284 -35.06 8.10 20.39
C GLY B 284 -34.44 8.57 19.09
N LYS B 285 -34.19 7.64 18.17
CA LYS B 285 -33.60 7.97 16.88
C LYS B 285 -34.49 7.53 15.73
N ASN B 286 -34.17 8.05 14.55
CA ASN B 286 -34.92 7.71 13.33
C ASN B 286 -34.10 6.69 12.55
N PRO B 287 -34.45 5.39 12.68
CA PRO B 287 -33.74 4.31 11.99
C PRO B 287 -33.61 4.50 10.48
N ILE B 288 -34.49 5.31 9.91
CA ILE B 288 -34.46 5.57 8.47
C ILE B 288 -33.23 6.40 8.11
N GLU B 289 -32.94 7.43 8.90
CA GLU B 289 -31.79 8.27 8.62
C GLU B 289 -30.51 7.44 8.70
N TYR B 290 -30.47 6.50 9.63
CA TYR B 290 -29.30 5.65 9.80
C TYR B 290 -29.05 4.75 8.59
N ALA B 291 -30.13 4.29 7.95
CA ALA B 291 -30.02 3.40 6.79
C ALA B 291 -29.61 4.18 5.53
N LEU B 292 -29.89 5.47 5.52
CA LEU B 292 -29.57 6.32 4.37
C LEU B 292 -28.21 6.98 4.48
N PHE B 293 -27.88 7.47 5.66
CA PHE B 293 -26.63 8.18 5.87
C PHE B 293 -25.60 7.49 6.75
N GLY B 294 -25.95 6.34 7.31
CA GLY B 294 -25.00 5.62 8.15
C GLY B 294 -23.90 5.02 7.32
N GLY B 295 -22.66 5.21 7.74
CA GLY B 295 -21.54 4.66 6.98
C GLY B 295 -20.92 3.41 7.56
N GLU B 296 -19.88 2.94 6.87
CA GLU B 296 -19.13 1.75 7.24
C GLU B 296 -19.86 0.44 7.48
N ASP B 297 -20.97 0.24 6.77
CA ASP B 297 -21.71 -1.01 6.91
C ASP B 297 -21.01 -2.07 6.08
N TYR B 298 -20.51 -1.66 4.92
CA TYR B 298 -19.84 -2.55 4.00
C TYR B 298 -20.74 -3.66 3.45
N GLN B 299 -21.93 -3.25 3.04
CA GLN B 299 -22.89 -4.14 2.43
C GLN B 299 -22.78 -3.81 0.95
N LEU B 300 -23.36 -4.63 0.08
CA LEU B 300 -23.27 -4.36 -1.35
C LEU B 300 -24.43 -3.55 -1.90
N LEU B 301 -24.15 -2.78 -2.96
CA LEU B 301 -25.16 -1.98 -3.65
C LEU B 301 -24.98 -2.28 -5.13
N PHE B 302 -25.88 -3.05 -5.70
CA PHE B 302 -25.78 -3.42 -7.12
C PHE B 302 -27.12 -3.31 -7.87
N THR B 303 -27.05 -3.36 -9.19
CA THR B 303 -28.25 -3.28 -10.02
C THR B 303 -28.26 -4.29 -11.16
N HIS B 304 -29.46 -4.74 -11.48
CA HIS B 304 -29.73 -5.68 -12.55
C HIS B 304 -31.24 -5.83 -12.64
N PRO B 305 -31.75 -6.55 -13.64
CA PRO B 305 -33.21 -6.70 -13.73
C PRO B 305 -33.77 -7.58 -12.59
N LYS B 306 -34.93 -7.19 -12.07
CA LYS B 306 -35.60 -7.91 -10.98
C LYS B 306 -35.51 -9.44 -11.13
N GLU B 307 -35.57 -9.91 -12.37
CA GLU B 307 -35.52 -11.34 -12.68
C GLU B 307 -34.27 -12.13 -12.28
N ARG B 308 -33.13 -11.47 -12.17
CA ARG B 308 -31.88 -12.15 -11.81
C ARG B 308 -31.71 -12.34 -10.28
N TRP B 309 -32.75 -11.99 -9.53
CA TRP B 309 -32.77 -12.10 -8.07
C TRP B 309 -32.70 -13.52 -7.54
N ASN B 310 -31.76 -13.75 -6.60
CA ASN B 310 -31.59 -15.06 -5.98
C ASN B 310 -32.17 -14.98 -4.56
N PRO B 311 -33.31 -15.64 -4.32
CA PRO B 311 -33.93 -15.61 -2.98
C PRO B 311 -33.08 -16.25 -1.90
N PHE B 312 -32.07 -17.02 -2.31
CA PHE B 312 -31.18 -17.71 -1.37
C PHE B 312 -30.01 -16.85 -0.89
N LEU B 313 -30.15 -15.53 -1.07
CA LEU B 313 -29.16 -14.54 -0.62
C LEU B 313 -30.04 -13.45 -0.03
N ASP B 314 -29.53 -12.72 0.96
CA ASP B 314 -30.31 -11.70 1.65
C ASP B 314 -30.49 -10.34 0.95
N MET B 315 -30.45 -10.32 -0.38
CA MET B 315 -30.61 -9.07 -1.09
C MET B 315 -32.02 -8.52 -0.97
N THR B 316 -32.11 -7.20 -0.96
CA THR B 316 -33.37 -6.49 -0.84
C THR B 316 -33.47 -5.47 -1.96
N GLU B 317 -34.65 -5.36 -2.57
CA GLU B 317 -34.82 -4.38 -3.64
C GLU B 317 -35.18 -3.09 -2.94
N ILE B 318 -34.43 -2.04 -3.20
CA ILE B 318 -34.70 -0.77 -2.56
C ILE B 318 -35.15 0.31 -3.54
N GLY B 319 -35.01 0.04 -4.84
CA GLY B 319 -35.41 1.02 -5.83
C GLY B 319 -35.16 0.60 -7.26
N ARG B 320 -35.19 1.56 -8.17
CA ARG B 320 -34.98 1.28 -9.59
C ARG B 320 -34.10 2.29 -10.33
N VAL B 321 -33.55 1.85 -11.45
CA VAL B 321 -32.70 2.66 -12.30
C VAL B 321 -33.54 3.26 -13.42
N GLU B 322 -33.82 4.55 -13.33
CA GLU B 322 -34.60 5.22 -14.35
C GLU B 322 -33.71 6.23 -15.08
N GLU B 323 -34.16 6.69 -16.24
CA GLU B 323 -33.38 7.64 -17.02
C GLU B 323 -33.30 9.02 -16.36
N GLY B 324 -32.12 9.61 -16.40
CA GLY B 324 -31.92 10.92 -15.80
C GLY B 324 -30.62 11.02 -15.03
N GLU B 325 -30.64 11.75 -13.91
CA GLU B 325 -29.44 11.92 -13.09
C GLU B 325 -29.85 12.15 -11.64
N GLY B 326 -28.88 12.02 -10.73
CA GLY B 326 -29.16 12.23 -9.32
C GLY B 326 -29.81 11.08 -8.58
N VAL B 327 -29.95 11.26 -7.26
CA VAL B 327 -30.55 10.24 -6.42
C VAL B 327 -31.78 10.79 -5.69
N PHE B 328 -32.86 10.01 -5.75
CA PHE B 328 -34.12 10.37 -5.12
C PHE B 328 -34.57 9.31 -4.10
N VAL B 329 -35.28 9.76 -3.08
CA VAL B 329 -35.79 8.87 -2.05
C VAL B 329 -37.20 9.33 -1.68
N ASP B 330 -38.20 8.56 -2.10
CA ASP B 330 -39.59 8.89 -1.82
C ASP B 330 -39.92 10.20 -2.52
N GLY B 331 -39.51 10.30 -3.79
CA GLY B 331 -39.78 11.50 -4.55
C GLY B 331 -38.67 12.55 -4.49
N LYS B 332 -38.49 13.17 -3.32
CA LYS B 332 -37.47 14.21 -3.15
C LYS B 332 -36.05 13.69 -3.39
N LYS B 333 -35.06 14.60 -3.34
CA LYS B 333 -33.66 14.23 -3.54
C LYS B 333 -32.82 14.34 -2.28
#